data_2HHS
#
_entry.id   2HHS
#
_cell.length_a   86.251
_cell.length_b   93.514
_cell.length_c   105.904
_cell.angle_alpha   90.000
_cell.angle_beta   90.000
_cell.angle_gamma   90.000
#
_symmetry.space_group_name_H-M   'P 21 21 21'
#
loop_
_entity.id
_entity.type
_entity.pdbx_description
1 polymer "5'-D(*CP*AP*TP*(6OG)P*CP*GP*AP*GP*TP*CP*AP*GP*G)-3'"
2 polymer "5'-D(*CP*CP*TP*GP*AP*CP*TP*CP*GP*CP*AP*TP*GP*A)-3'"
3 polymer 'DNA polymerase I'
4 branched beta-D-fructofuranose-(2-1)-alpha-D-glucopyranose
5 non-polymer 'SULFATE ION'
6 non-polymer 'MAGNESIUM ION'
7 water water
#
loop_
_entity_poly.entity_id
_entity_poly.type
_entity_poly.pdbx_seq_one_letter_code
_entity_poly.pdbx_strand_id
1 'polydeoxyribonucleotide' (DC)(DA)(DT)(6OG)(DC)(DG)(DA)(DG)(DT)(DC)(DA)(DG)(DG) B
2 'polydeoxyribonucleotide' (DC)(DC)(DT)(DG)(DA)(DC)(DT)(DC)(DG)(DC)(DA)(DT)(DG)(DA) C
3 'polypeptide(L)'
;KKMAFTLADRVTEEMLADKAALVVEVVEENYHDAPIVGIAVVNEHGRFFLRPETALADPQFVAWLGDETKKKSMFDSKRA
AVALKWKGIELCGVSFDLLLAAYLLDPAQGVDDVAAAAKMKQYEAVRPDEAVYGKGAKRAVPDEPVLAEHLVRKAAAIWE
LERPFLDELRRNEQDRLLVELEQPLSSILAEMEFAGVKVDTKRLEQMGKELAEQLGTVEQRIYELAGQEFNINSPKQLGV
ILFEKLQLPVLKKTKTGYSTSADVLEKLAPYHEIVENILHYRQLGKLQSTYIEGLLKVVRPDTKKVHTIFNQALTQTGRL
SSTEPNLQNIPIRLEEGRKIRQAFVPSESDWLIFAADYSQIELRVLAHIAEDDNLMEAFRRDLDIHTKTAMDIFQVSEDE
VTPNMRRQAKAVNFGIVYGISDYGLAQNLNISRKEAAEFIERYFESFPGVKRYMENIVQEAKQKGYVTTLLHRRRYLPDI
TSRNFNVRSFAERMAMNTPIQGSAADIIKKAMIDLNARLKEERLQAHLLLQVHDELILEAPKEEMERLCRLVPEVMEQAV
TLRVPLKVDYHYGSTWYDAK
;
A
#
loop_
_chem_comp.id
_chem_comp.type
_chem_comp.name
_chem_comp.formula
6OG DNA linking '6-O-METHYL GUANOSINE-5'-MONOPHOSPHATE' 'C11 H16 N5 O7 P'
DA DNA linking 2'-DEOXYADENOSINE-5'-MONOPHOSPHATE 'C10 H14 N5 O6 P'
DC DNA linking 2'-DEOXYCYTIDINE-5'-MONOPHOSPHATE 'C9 H14 N3 O7 P'
DG DNA linking 2'-DEOXYGUANOSINE-5'-MONOPHOSPHATE 'C10 H14 N5 O7 P'
DT DNA linking THYMIDINE-5'-MONOPHOSPHATE 'C10 H15 N2 O8 P'
FRU D-saccharide, beta linking beta-D-fructofuranose 'C6 H12 O6'
GLC D-saccharide, alpha linking alpha-D-glucopyranose 'C6 H12 O6'
MG non-polymer 'MAGNESIUM ION' 'Mg 2'
SO4 non-polymer 'SULFATE ION' 'O4 S -2'
#
# COMPACT_ATOMS: atom_id res chain seq x y z
P 6OG A 4 -11.30 -20.06 -12.65
OP1 6OG A 4 -11.18 -20.75 -11.34
OP2 6OG A 4 -11.99 -18.74 -12.72
O5' 6OG A 4 -9.84 -19.89 -13.25
N9 6OG A 4 -7.84 -18.31 -16.67
C4 6OG A 4 -7.39 -18.22 -17.97
N3 6OG A 4 -6.23 -18.72 -18.44
C2 6OG A 4 -6.08 -18.48 -19.73
N2 6OG A 4 -4.98 -18.90 -20.37
N1 6OG A 4 -7.00 -17.80 -20.50
C6 6OG A 4 -8.21 -17.28 -20.03
O6 6OG A 4 -8.99 -16.68 -20.81
C5 6OG A 4 -8.38 -17.53 -18.65
N7 6OG A 4 -9.42 -17.19 -17.80
C8 6OG A 4 -9.06 -17.67 -16.63
C2' 6OG A 4 -7.25 -18.28 -14.21
C5' 6OG A 4 -9.03 -21.05 -13.52
C4' 6OG A 4 -7.67 -20.62 -14.01
O4' 6OG A 4 -7.69 -20.26 -15.40
C1' 6OG A 4 -7.14 -18.96 -15.57
C3' 6OG A 4 -7.07 -19.44 -13.25
O3' 6OG A 4 -5.68 -19.68 -13.05
C 6OG A 4 -8.62 -16.53 -22.20
N LYS C 1 -5.35 -37.50 13.81
CA LYS C 1 -6.36 -37.62 14.89
C LYS C 1 -7.22 -36.37 14.95
N LYS C 2 -8.53 -36.56 14.81
CA LYS C 2 -9.48 -35.45 14.83
C LYS C 2 -9.33 -34.61 16.11
N MET C 3 -9.64 -33.32 16.00
CA MET C 3 -9.54 -32.43 17.15
C MET C 3 -10.89 -32.32 17.83
N ALA C 4 -10.91 -32.51 19.14
CA ALA C 4 -12.14 -32.45 19.90
C ALA C 4 -12.65 -31.03 20.07
N PHE C 5 -13.97 -30.87 19.99
CA PHE C 5 -14.61 -29.58 20.17
C PHE C 5 -16.11 -29.75 20.29
N THR C 6 -16.77 -28.74 20.84
CA THR C 6 -18.20 -28.76 21.02
C THR C 6 -18.90 -27.98 19.91
N LEU C 7 -19.75 -28.67 19.16
CA LEU C 7 -20.50 -28.02 18.09
C LEU C 7 -21.76 -27.56 18.81
N ALA C 8 -21.69 -26.36 19.36
CA ALA C 8 -22.78 -25.78 20.14
C ALA C 8 -24.00 -25.32 19.34
N ASP C 9 -25.17 -25.49 19.94
CA ASP C 9 -26.42 -25.08 19.31
C ASP C 9 -26.85 -23.77 19.94
N ARG C 10 -26.18 -23.40 21.03
CA ARG C 10 -26.48 -22.15 21.74
C ARG C 10 -25.24 -21.65 22.47
N VAL C 11 -25.19 -20.35 22.74
CA VAL C 11 -24.08 -19.73 23.44
C VAL C 11 -24.16 -19.99 24.95
N THR C 12 -23.03 -20.36 25.55
CA THR C 12 -22.97 -20.61 26.99
C THR C 12 -21.96 -19.66 27.60
N GLU C 13 -22.01 -19.51 28.93
CA GLU C 13 -21.11 -18.60 29.62
C GLU C 13 -19.62 -18.93 29.48
N GLU C 14 -19.28 -20.21 29.50
CA GLU C 14 -17.87 -20.58 29.38
C GLU C 14 -17.28 -20.19 28.03
N MET C 15 -18.13 -19.82 27.08
CA MET C 15 -17.66 -19.40 25.77
C MET C 15 -17.31 -17.92 25.78
N LEU C 16 -17.64 -17.24 26.88
CA LEU C 16 -17.39 -15.82 27.00
C LEU C 16 -16.30 -15.45 28.01
N ALA C 17 -15.26 -16.28 28.09
CA ALA C 17 -14.15 -16.02 29.01
C ALA C 17 -13.44 -14.74 28.60
N ASP C 18 -12.68 -14.14 29.51
CA ASP C 18 -11.99 -12.89 29.22
C ASP C 18 -10.72 -13.02 28.39
N LYS C 19 -10.45 -14.22 27.88
CA LYS C 19 -9.27 -14.47 27.06
C LYS C 19 -9.59 -15.62 26.13
N ALA C 20 -9.46 -15.41 24.82
CA ALA C 20 -9.76 -16.49 23.89
C ALA C 20 -9.22 -16.27 22.49
N ALA C 21 -9.07 -17.35 21.76
CA ALA C 21 -8.65 -17.30 20.37
C ALA C 21 -10.02 -17.26 19.68
N LEU C 22 -10.20 -16.34 18.75
CA LEU C 22 -11.48 -16.21 18.07
C LEU C 22 -11.34 -16.24 16.56
N VAL C 23 -12.24 -16.97 15.91
CA VAL C 23 -12.27 -17.06 14.46
C VAL C 23 -13.67 -16.68 14.01
N VAL C 24 -13.76 -15.66 13.16
CA VAL C 24 -15.03 -15.20 12.60
C VAL C 24 -14.72 -15.30 11.11
N GLU C 25 -15.07 -16.44 10.53
CA GLU C 25 -14.74 -16.76 9.14
C GLU C 25 -15.52 -16.10 8.02
N VAL C 26 -14.78 -15.40 7.16
CA VAL C 26 -15.34 -14.74 5.99
C VAL C 26 -14.50 -15.31 4.85
N VAL C 27 -15.10 -16.20 4.07
CA VAL C 27 -14.42 -16.86 2.97
C VAL C 27 -14.23 -16.02 1.71
N GLU C 28 -15.20 -15.17 1.40
CA GLU C 28 -15.10 -14.31 0.23
C GLU C 28 -13.83 -13.47 0.33
N GLU C 29 -13.10 -13.35 -0.79
CA GLU C 29 -11.86 -12.58 -0.83
C GLU C 29 -12.11 -11.14 -0.39
N ASN C 30 -13.14 -10.54 -0.96
CA ASN C 30 -13.52 -9.18 -0.62
C ASN C 30 -14.56 -9.34 0.49
N TYR C 31 -14.17 -8.98 1.72
CA TYR C 31 -15.04 -9.13 2.88
C TYR C 31 -16.12 -8.08 3.13
N HIS C 32 -16.23 -7.10 2.24
CA HIS C 32 -17.23 -6.05 2.42
C HIS C 32 -18.64 -6.59 2.23
N ASP C 33 -19.46 -6.44 3.28
CA ASP C 33 -20.86 -6.91 3.27
C ASP C 33 -20.91 -8.39 2.89
N ALA C 34 -19.87 -9.13 3.27
CA ALA C 34 -19.78 -10.55 2.96
C ALA C 34 -20.28 -11.42 4.10
N PRO C 35 -20.64 -12.67 3.78
CA PRO C 35 -21.14 -13.63 4.77
C PRO C 35 -20.09 -14.10 5.76
N ILE C 36 -20.53 -14.38 6.98
CA ILE C 36 -19.66 -14.93 8.00
C ILE C 36 -20.20 -16.37 8.01
N VAL C 37 -19.38 -17.32 7.60
CA VAL C 37 -19.81 -18.71 7.49
C VAL C 37 -19.70 -19.56 8.74
N GLY C 38 -18.97 -19.07 9.73
CA GLY C 38 -18.82 -19.85 10.94
C GLY C 38 -17.98 -19.11 11.96
N ILE C 39 -18.09 -19.54 13.21
CA ILE C 39 -17.35 -18.94 14.29
C ILE C 39 -16.76 -20.04 15.18
N ALA C 40 -15.53 -19.83 15.63
CA ALA C 40 -14.89 -20.79 16.51
C ALA C 40 -14.25 -20.04 17.66
N VAL C 41 -14.31 -20.62 18.84
CA VAL C 41 -13.74 -20.01 20.03
C VAL C 41 -12.96 -21.06 20.80
N VAL C 42 -11.75 -20.70 21.19
CA VAL C 42 -10.93 -21.61 21.98
C VAL C 42 -10.45 -20.81 23.19
N ASN C 43 -10.71 -21.34 24.39
CA ASN C 43 -10.29 -20.66 25.60
C ASN C 43 -9.94 -21.72 26.64
N GLU C 44 -9.75 -21.29 27.89
CA GLU C 44 -9.37 -22.22 28.94
C GLU C 44 -10.39 -23.33 29.19
N HIS C 45 -11.65 -23.09 28.83
CA HIS C 45 -12.69 -24.08 29.06
C HIS C 45 -12.88 -25.10 27.93
N GLY C 46 -12.27 -24.84 26.78
CA GLY C 46 -12.41 -25.79 25.69
C GLY C 46 -12.41 -25.16 24.31
N ARG C 47 -12.88 -25.94 23.33
CA ARG C 47 -12.96 -25.50 21.95
C ARG C 47 -14.42 -25.53 21.51
N PHE C 48 -14.90 -24.45 20.91
CA PHE C 48 -16.29 -24.38 20.49
C PHE C 48 -16.49 -23.88 19.06
N PHE C 49 -17.54 -24.38 18.42
CA PHE C 49 -17.90 -23.93 17.09
C PHE C 49 -19.33 -23.43 17.22
N LEU C 50 -19.61 -22.27 16.65
CA LEU C 50 -20.94 -21.68 16.71
C LEU C 50 -21.40 -21.29 15.33
N ARG C 51 -22.67 -21.54 15.03
CA ARG C 51 -23.21 -21.15 13.74
C ARG C 51 -23.40 -19.64 13.87
N PRO C 52 -23.08 -18.87 12.83
CA PRO C 52 -23.23 -17.41 12.88
C PRO C 52 -24.62 -16.90 13.19
N GLU C 53 -25.64 -17.53 12.59
CA GLU C 53 -27.02 -17.11 12.81
C GLU C 53 -27.34 -17.15 14.31
N THR C 54 -26.76 -18.12 15.02
CA THR C 54 -27.00 -18.27 16.45
C THR C 54 -26.18 -17.28 17.27
N ALA C 55 -24.87 -17.31 17.09
CA ALA C 55 -23.97 -16.43 17.83
C ALA C 55 -24.26 -14.94 17.63
N LEU C 56 -24.35 -14.52 16.37
CA LEU C 56 -24.57 -13.11 16.08
C LEU C 56 -25.94 -12.56 16.46
N ALA C 57 -26.84 -13.43 16.90
CA ALA C 57 -28.18 -13.02 17.32
C ALA C 57 -28.25 -13.07 18.84
N ASP C 58 -27.21 -13.61 19.46
CA ASP C 58 -27.15 -13.72 20.92
C ASP C 58 -26.62 -12.44 21.58
N PRO C 59 -27.47 -11.76 22.36
CA PRO C 59 -27.06 -10.53 23.04
C PRO C 59 -25.78 -10.65 23.87
N GLN C 60 -25.62 -11.77 24.56
CA GLN C 60 -24.43 -11.99 25.39
C GLN C 60 -23.17 -12.14 24.55
N PHE C 61 -23.27 -12.84 23.43
CA PHE C 61 -22.11 -13.03 22.55
C PHE C 61 -21.70 -11.71 21.91
N VAL C 62 -22.69 -10.99 21.40
CA VAL C 62 -22.44 -9.70 20.77
C VAL C 62 -21.81 -8.73 21.76
N ALA C 63 -22.30 -8.76 23.01
CA ALA C 63 -21.76 -7.89 24.04
C ALA C 63 -20.30 -8.28 24.30
N TRP C 64 -20.05 -9.59 24.33
CA TRP C 64 -18.71 -10.11 24.56
C TRP C 64 -17.78 -9.63 23.45
N LEU C 65 -18.25 -9.72 22.20
CA LEU C 65 -17.46 -9.27 21.06
C LEU C 65 -17.07 -7.80 21.21
N GLY C 66 -18.00 -6.97 21.67
CA GLY C 66 -17.74 -5.56 21.80
C GLY C 66 -17.12 -5.10 23.12
N ASP C 67 -16.85 -6.03 24.02
CA ASP C 67 -16.26 -5.69 25.31
C ASP C 67 -14.74 -5.66 25.19
N GLU C 68 -14.16 -4.48 25.32
CA GLU C 68 -12.71 -4.30 25.23
C GLU C 68 -11.92 -5.04 26.32
N THR C 69 -12.58 -5.37 27.42
CA THR C 69 -11.91 -6.08 28.51
C THR C 69 -11.85 -7.58 28.29
N LYS C 70 -12.60 -8.07 27.30
CA LYS C 70 -12.57 -9.49 26.97
C LYS C 70 -11.58 -9.55 25.81
N LYS C 71 -10.40 -10.11 26.07
CA LYS C 71 -9.34 -10.17 25.08
C LYS C 71 -9.42 -11.31 24.08
N LYS C 72 -9.25 -10.98 22.81
CA LYS C 72 -9.28 -11.98 21.74
C LYS C 72 -7.99 -12.00 20.92
N SER C 73 -7.60 -13.20 20.52
CA SER C 73 -6.43 -13.37 19.67
C SER C 73 -7.02 -13.88 18.36
N MET C 74 -6.63 -13.27 17.24
CA MET C 74 -7.18 -13.66 15.94
C MET C 74 -6.14 -13.64 14.83
N PHE C 75 -6.59 -13.95 13.62
CA PHE C 75 -5.75 -13.89 12.43
C PHE C 75 -6.53 -13.00 11.45
N ASP C 76 -5.94 -11.86 11.07
CA ASP C 76 -6.59 -10.92 10.16
C ASP C 76 -7.86 -10.40 10.80
N SER C 77 -7.71 -9.71 11.92
CA SER C 77 -8.87 -9.18 12.63
C SER C 77 -9.61 -8.10 11.85
N LYS C 78 -8.92 -7.42 10.92
CA LYS C 78 -9.58 -6.38 10.13
C LYS C 78 -10.70 -6.98 9.29
N ARG C 79 -10.44 -8.15 8.72
CA ARG C 79 -11.43 -8.86 7.90
C ARG C 79 -12.69 -9.08 8.71
N ALA C 80 -12.53 -9.64 9.91
CA ALA C 80 -13.66 -9.91 10.79
C ALA C 80 -14.31 -8.62 11.26
N ALA C 81 -13.50 -7.64 11.66
CA ALA C 81 -14.04 -6.38 12.14
C ALA C 81 -14.91 -5.68 11.09
N VAL C 82 -14.47 -5.69 9.84
CA VAL C 82 -15.23 -5.03 8.78
C VAL C 82 -16.48 -5.83 8.45
N ALA C 83 -16.34 -7.16 8.36
CA ALA C 83 -17.49 -8.00 8.06
C ALA C 83 -18.55 -7.76 9.15
N LEU C 84 -18.10 -7.60 10.39
CA LEU C 84 -19.04 -7.35 11.48
C LEU C 84 -19.62 -5.93 11.42
N LYS C 85 -18.83 -4.94 11.00
CA LYS C 85 -19.34 -3.57 10.89
C LYS C 85 -20.53 -3.53 9.92
N TRP C 86 -20.46 -4.30 8.84
CA TRP C 86 -21.55 -4.31 7.87
C TRP C 86 -22.82 -4.90 8.48
N LYS C 87 -22.67 -5.65 9.57
CA LYS C 87 -23.81 -6.24 10.27
C LYS C 87 -24.17 -5.44 11.51
N GLY C 88 -23.56 -4.27 11.67
CA GLY C 88 -23.84 -3.42 12.82
C GLY C 88 -23.33 -3.97 14.15
N ILE C 89 -22.26 -4.76 14.10
CA ILE C 89 -21.68 -5.34 15.31
C ILE C 89 -20.24 -4.87 15.47
N GLU C 90 -19.92 -4.42 16.68
CA GLU C 90 -18.58 -3.93 16.98
C GLU C 90 -17.68 -5.00 17.58
N LEU C 91 -16.47 -5.12 17.03
CA LEU C 91 -15.49 -6.08 17.52
C LEU C 91 -14.42 -5.28 18.27
N CYS C 92 -14.26 -5.56 19.55
CA CYS C 92 -13.27 -4.86 20.38
C CYS C 92 -12.42 -5.88 21.15
N GLY C 93 -11.35 -5.39 21.76
CA GLY C 93 -10.51 -6.24 22.57
C GLY C 93 -9.56 -7.20 21.87
N VAL C 94 -9.28 -6.96 20.59
CA VAL C 94 -8.35 -7.85 19.90
C VAL C 94 -6.96 -7.42 20.35
N SER C 95 -6.32 -8.24 21.18
CA SER C 95 -5.01 -7.93 21.73
C SER C 95 -3.86 -8.56 20.99
N PHE C 96 -4.17 -9.49 20.08
CA PHE C 96 -3.14 -10.17 19.31
C PHE C 96 -3.67 -10.58 17.94
N ASP C 97 -2.97 -10.15 16.89
CA ASP C 97 -3.35 -10.51 15.53
C ASP C 97 -2.18 -11.30 14.93
N LEU C 98 -2.37 -12.60 14.78
CA LEU C 98 -1.33 -13.48 14.25
C LEU C 98 -0.82 -13.11 12.86
N LEU C 99 -1.70 -12.56 12.01
CA LEU C 99 -1.29 -12.17 10.66
C LEU C 99 -0.27 -11.04 10.73
N LEU C 100 -0.57 -10.03 11.54
CA LEU C 100 0.32 -8.89 11.69
C LEU C 100 1.60 -9.28 12.42
N ALA C 101 1.50 -10.23 13.34
CA ALA C 101 2.68 -10.68 14.07
C ALA C 101 3.62 -11.37 13.11
N ALA C 102 3.06 -12.27 12.30
CA ALA C 102 3.85 -13.01 11.32
C ALA C 102 4.50 -12.05 10.32
N TYR C 103 3.72 -11.07 9.87
CA TYR C 103 4.19 -10.06 8.92
C TYR C 103 5.39 -9.28 9.44
N LEU C 104 5.34 -8.89 10.71
CA LEU C 104 6.43 -8.13 11.30
C LEU C 104 7.68 -9.01 11.45
N LEU C 105 7.48 -10.28 11.80
CA LEU C 105 8.60 -11.20 11.97
C LEU C 105 9.35 -11.43 10.66
N ASP C 106 8.60 -11.54 9.57
CA ASP C 106 9.23 -11.74 8.27
C ASP C 106 8.24 -11.49 7.13
N PRO C 107 8.24 -10.25 6.58
CA PRO C 107 7.35 -9.88 5.48
C PRO C 107 7.53 -10.77 4.25
N ALA C 108 8.74 -11.29 4.06
CA ALA C 108 9.06 -12.12 2.90
C ALA C 108 8.39 -13.49 2.89
N GLN C 109 7.96 -13.96 4.06
CA GLN C 109 7.33 -15.28 4.14
C GLN C 109 6.00 -15.32 3.38
N GLY C 110 5.37 -14.15 3.21
CA GLY C 110 4.10 -14.09 2.50
C GLY C 110 2.96 -14.80 3.20
N VAL C 111 2.95 -14.76 4.53
CA VAL C 111 1.89 -15.41 5.30
C VAL C 111 0.52 -14.87 4.89
N ASP C 112 -0.33 -15.76 4.37
CA ASP C 112 -1.66 -15.39 3.91
C ASP C 112 -2.76 -16.17 4.63
N ASP C 113 -2.37 -17.14 5.45
CA ASP C 113 -3.36 -17.89 6.22
C ASP C 113 -2.74 -18.43 7.50
N VAL C 114 -3.59 -18.89 8.40
CA VAL C 114 -3.11 -19.42 9.68
C VAL C 114 -2.09 -20.53 9.48
N ALA C 115 -2.34 -21.43 8.53
CA ALA C 115 -1.41 -22.53 8.29
C ALA C 115 0.01 -22.06 7.98
N ALA C 116 0.13 -20.99 7.20
CA ALA C 116 1.44 -20.47 6.84
C ALA C 116 2.16 -19.85 8.03
N ALA C 117 1.43 -19.15 8.88
CA ALA C 117 2.03 -18.53 10.05
C ALA C 117 2.43 -19.64 11.03
N ALA C 118 1.57 -20.65 11.15
CA ALA C 118 1.85 -21.75 12.05
C ALA C 118 3.11 -22.53 11.65
N LYS C 119 3.31 -22.69 10.34
CA LYS C 119 4.48 -23.45 9.87
C LYS C 119 5.79 -22.78 10.29
N MET C 120 5.74 -21.48 10.54
CA MET C 120 6.93 -20.73 10.97
C MET C 120 7.46 -21.24 12.31
N LYS C 121 6.56 -21.84 13.10
CA LYS C 121 6.93 -22.38 14.40
C LYS C 121 6.73 -23.89 14.46
N GLN C 122 6.88 -24.55 13.32
CA GLN C 122 6.75 -26.00 13.22
C GLN C 122 5.43 -26.56 13.74
N TYR C 123 4.35 -25.80 13.57
CA TYR C 123 3.01 -26.24 13.97
C TYR C 123 2.32 -26.54 12.65
N GLU C 124 1.87 -27.77 12.47
CA GLU C 124 1.22 -28.13 11.21
C GLU C 124 -0.12 -28.84 11.36
N ALA C 125 -0.73 -28.73 12.53
CA ALA C 125 -2.01 -29.39 12.78
C ALA C 125 -3.19 -28.52 12.35
N VAL C 126 -3.03 -27.87 11.20
CA VAL C 126 -4.06 -27.00 10.64
C VAL C 126 -3.84 -27.00 9.13
N ARG C 127 -4.92 -27.04 8.36
CA ARG C 127 -4.84 -27.08 6.90
C ARG C 127 -4.83 -25.68 6.29
N PRO C 128 -4.21 -25.52 5.12
CA PRO C 128 -4.18 -24.20 4.46
C PRO C 128 -5.63 -23.94 4.02
N ASP C 129 -6.08 -22.69 4.08
CA ASP C 129 -7.45 -22.38 3.67
C ASP C 129 -7.75 -22.87 2.26
N GLU C 130 -6.79 -22.73 1.36
CA GLU C 130 -6.96 -23.15 -0.03
C GLU C 130 -7.31 -24.62 -0.13
N ALA C 131 -6.67 -25.44 0.71
CA ALA C 131 -6.93 -26.88 0.71
C ALA C 131 -8.35 -27.18 1.15
N VAL C 132 -8.89 -26.34 2.02
CA VAL C 132 -10.25 -26.55 2.53
C VAL C 132 -11.34 -25.96 1.63
N TYR C 133 -11.15 -24.73 1.18
CA TYR C 133 -12.14 -24.05 0.35
C TYR C 133 -11.95 -24.14 -1.16
N GLY C 134 -10.79 -24.63 -1.60
CA GLY C 134 -10.55 -24.73 -3.02
C GLY C 134 -10.19 -23.35 -3.58
N LYS C 135 -9.98 -23.28 -4.89
CA LYS C 135 -9.62 -22.01 -5.51
C LYS C 135 -10.54 -21.57 -6.65
N GLY C 136 -10.78 -20.26 -6.72
CA GLY C 136 -11.63 -19.68 -7.76
C GLY C 136 -12.95 -20.36 -8.05
N ALA C 137 -13.12 -20.78 -9.30
CA ALA C 137 -14.34 -21.44 -9.75
C ALA C 137 -14.74 -22.61 -8.86
N LYS C 138 -13.75 -23.31 -8.32
CA LYS C 138 -14.01 -24.46 -7.46
C LYS C 138 -14.13 -24.07 -5.99
N ARG C 139 -13.96 -22.79 -5.70
CA ARG C 139 -14.04 -22.30 -4.33
C ARG C 139 -15.45 -22.50 -3.78
N ALA C 140 -15.54 -23.07 -2.59
CA ALA C 140 -16.84 -23.33 -1.97
C ALA C 140 -16.68 -23.66 -0.50
N VAL C 141 -17.72 -23.35 0.28
CA VAL C 141 -17.71 -23.63 1.70
C VAL C 141 -18.09 -25.10 1.88
N PRO C 142 -17.24 -25.89 2.55
CA PRO C 142 -17.52 -27.30 2.75
C PRO C 142 -18.66 -27.55 3.74
N ASP C 143 -19.05 -28.81 3.88
CA ASP C 143 -20.12 -29.17 4.80
C ASP C 143 -19.72 -28.79 6.22
N GLU C 144 -20.71 -28.54 7.06
CA GLU C 144 -20.47 -28.13 8.43
C GLU C 144 -19.40 -28.93 9.19
N PRO C 145 -19.41 -30.27 9.08
CA PRO C 145 -18.39 -31.07 9.79
C PRO C 145 -16.96 -30.68 9.42
N VAL C 146 -16.70 -30.52 8.13
CA VAL C 146 -15.39 -30.15 7.64
C VAL C 146 -15.08 -28.70 7.98
N LEU C 147 -16.07 -27.83 7.82
CA LEU C 147 -15.90 -26.41 8.12
C LEU C 147 -15.61 -26.18 9.59
N ALA C 148 -16.40 -26.82 10.45
CA ALA C 148 -16.24 -26.67 11.89
C ALA C 148 -14.86 -27.11 12.37
N GLU C 149 -14.39 -28.26 11.92
CA GLU C 149 -13.10 -28.73 12.35
C GLU C 149 -11.99 -27.78 11.91
N HIS C 150 -12.10 -27.25 10.70
CA HIS C 150 -11.10 -26.33 10.19
C HIS C 150 -11.04 -25.05 11.02
N LEU C 151 -12.20 -24.44 11.29
CA LEU C 151 -12.21 -23.21 12.08
C LEU C 151 -11.70 -23.46 13.49
N VAL C 152 -12.06 -24.61 14.05
CA VAL C 152 -11.59 -24.94 15.39
C VAL C 152 -10.08 -25.13 15.38
N ARG C 153 -9.57 -25.81 14.35
CA ARG C 153 -8.13 -26.02 14.24
C ARG C 153 -7.39 -24.70 14.06
N LYS C 154 -8.00 -23.73 13.38
CA LYS C 154 -7.33 -22.44 13.21
C LYS C 154 -7.31 -21.69 14.53
N ALA C 155 -8.41 -21.76 15.28
CA ALA C 155 -8.47 -21.10 16.58
C ALA C 155 -7.48 -21.76 17.53
N ALA C 156 -7.35 -23.08 17.44
CA ALA C 156 -6.43 -23.82 18.30
C ALA C 156 -5.00 -23.39 18.00
N ALA C 157 -4.68 -23.23 16.72
CA ALA C 157 -3.34 -22.81 16.32
C ALA C 157 -3.05 -21.43 16.89
N ILE C 158 -4.01 -20.51 16.73
CA ILE C 158 -3.82 -19.16 17.24
C ILE C 158 -3.60 -19.18 18.75
N TRP C 159 -4.39 -20.00 19.45
CA TRP C 159 -4.29 -20.13 20.90
C TRP C 159 -2.89 -20.57 21.33
N GLU C 160 -2.33 -21.53 20.60
CA GLU C 160 -1.00 -22.08 20.90
C GLU C 160 0.17 -21.20 20.45
N LEU C 161 -0.02 -20.49 19.34
CA LEU C 161 1.05 -19.68 18.77
C LEU C 161 1.24 -18.27 19.31
N GLU C 162 0.23 -17.72 19.98
CA GLU C 162 0.36 -16.38 20.50
C GLU C 162 1.64 -16.17 21.32
N ARG C 163 1.85 -17.01 22.32
CA ARG C 163 3.04 -16.88 23.17
C ARG C 163 4.36 -16.90 22.40
N PRO C 164 4.60 -17.93 21.57
CA PRO C 164 5.85 -18.01 20.80
C PRO C 164 6.08 -16.79 19.90
N PHE C 165 5.01 -16.33 19.24
CA PHE C 165 5.14 -15.16 18.37
C PHE C 165 5.46 -13.90 19.16
N LEU C 166 4.77 -13.68 20.28
CA LEU C 166 5.03 -12.50 21.08
C LEU C 166 6.44 -12.57 21.64
N ASP C 167 6.89 -13.77 22.00
CA ASP C 167 8.23 -13.95 22.53
C ASP C 167 9.28 -13.52 21.50
N GLU C 168 9.12 -13.95 20.26
CA GLU C 168 10.09 -13.59 19.24
C GLU C 168 10.02 -12.09 18.93
N LEU C 169 8.81 -11.54 18.84
CA LEU C 169 8.67 -10.12 18.58
C LEU C 169 9.41 -9.33 19.65
N ARG C 170 9.27 -9.77 20.90
CA ARG C 170 9.93 -9.12 22.03
C ARG C 170 11.45 -9.15 21.85
N ARG C 171 11.97 -10.30 21.44
CA ARG C 171 13.41 -10.44 21.23
C ARG C 171 13.88 -9.52 20.12
N ASN C 172 13.02 -9.34 19.11
CA ASN C 172 13.30 -8.47 17.97
C ASN C 172 13.06 -7.00 18.31
N GLU C 173 12.59 -6.73 19.52
CA GLU C 173 12.27 -5.37 19.93
C GLU C 173 11.16 -4.80 19.04
N GLN C 174 10.22 -5.68 18.68
CA GLN C 174 9.09 -5.33 17.83
C GLN C 174 7.76 -5.49 18.57
N ASP C 175 7.78 -5.74 19.87
CA ASP C 175 6.53 -5.92 20.60
C ASP C 175 5.65 -4.66 20.58
N ARG C 176 6.25 -3.49 20.75
CA ARG C 176 5.49 -2.23 20.71
C ARG C 176 5.03 -1.94 19.29
N LEU C 177 5.84 -2.31 18.30
CA LEU C 177 5.47 -2.08 16.91
C LEU C 177 4.15 -2.78 16.63
N LEU C 178 3.99 -4.00 17.13
CA LEU C 178 2.75 -4.75 16.95
C LEU C 178 1.58 -4.16 17.76
N VAL C 179 1.79 -4.05 19.07
CA VAL C 179 0.75 -3.58 19.99
C VAL C 179 0.38 -2.10 19.93
N GLU C 180 1.35 -1.24 19.70
CA GLU C 180 1.09 0.19 19.66
C GLU C 180 0.97 0.82 18.27
N LEU C 181 1.40 0.10 17.23
CA LEU C 181 1.31 0.65 15.87
C LEU C 181 0.43 -0.15 14.91
N GLU C 182 0.87 -1.35 14.54
CA GLU C 182 0.11 -2.13 13.57
C GLU C 182 -1.29 -2.54 14.00
N GLN C 183 -1.47 -3.02 15.23
CA GLN C 183 -2.81 -3.40 15.65
C GLN C 183 -3.76 -2.20 15.76
N PRO C 184 -3.31 -1.09 16.36
CA PRO C 184 -4.23 0.05 16.43
C PRO C 184 -4.53 0.55 15.02
N LEU C 185 -3.53 0.50 14.15
CA LEU C 185 -3.73 0.96 12.77
C LEU C 185 -4.77 0.09 12.07
N SER C 186 -4.77 -1.20 12.37
CA SER C 186 -5.72 -2.12 11.75
C SER C 186 -7.16 -1.68 11.95
N SER C 187 -7.44 -1.18 13.15
CA SER C 187 -8.78 -0.72 13.48
C SER C 187 -9.12 0.56 12.72
N ILE C 188 -8.11 1.39 12.50
CA ILE C 188 -8.32 2.64 11.78
C ILE C 188 -8.57 2.33 10.30
N LEU C 189 -7.83 1.37 9.74
CA LEU C 189 -8.02 1.01 8.35
C LEU C 189 -9.41 0.40 8.16
N ALA C 190 -9.86 -0.37 9.14
CA ALA C 190 -11.18 -0.99 9.08
C ALA C 190 -12.25 0.10 9.00
N GLU C 191 -12.09 1.16 9.77
CA GLU C 191 -13.06 2.25 9.75
C GLU C 191 -13.02 2.94 8.38
N MET C 192 -11.82 3.18 7.87
CA MET C 192 -11.66 3.85 6.57
C MET C 192 -12.29 3.04 5.43
N GLU C 193 -12.05 1.74 5.43
CA GLU C 193 -12.58 0.86 4.39
C GLU C 193 -14.10 0.82 4.47
N PHE C 194 -14.62 0.72 5.70
CA PHE C 194 -16.05 0.66 5.91
C PHE C 194 -16.71 1.97 5.47
N ALA C 195 -16.09 3.11 5.78
CA ALA C 195 -16.63 4.40 5.40
C ALA C 195 -16.73 4.51 3.88
N GLY C 196 -15.66 4.10 3.21
CA GLY C 196 -15.63 4.16 1.76
C GLY C 196 -15.54 5.58 1.23
N VAL C 197 -15.43 5.70 -0.09
CA VAL C 197 -15.33 7.01 -0.75
C VAL C 197 -16.45 7.12 -1.77
N LYS C 198 -17.20 8.22 -1.71
CA LYS C 198 -18.31 8.43 -2.61
C LYS C 198 -17.83 8.74 -4.03
N VAL C 199 -18.52 8.15 -5.02
CA VAL C 199 -18.16 8.37 -6.41
C VAL C 199 -19.32 8.99 -7.20
N ASP C 200 -19.00 10.00 -7.99
CA ASP C 200 -19.99 10.67 -8.83
C ASP C 200 -20.04 9.82 -10.10
N THR C 201 -20.83 8.75 -10.08
CA THR C 201 -20.91 7.87 -11.23
C THR C 201 -21.39 8.54 -12.50
N LYS C 202 -22.32 9.50 -12.37
CA LYS C 202 -22.81 10.21 -13.54
C LYS C 202 -21.63 10.93 -14.21
N ARG C 203 -20.77 11.52 -13.39
CA ARG C 203 -19.59 12.24 -13.87
C ARG C 203 -18.67 11.28 -14.62
N LEU C 204 -18.39 10.13 -14.00
CA LEU C 204 -17.53 9.12 -14.61
C LEU C 204 -18.09 8.61 -15.93
N GLU C 205 -19.39 8.33 -15.95
CA GLU C 205 -20.01 7.83 -17.17
C GLU C 205 -19.92 8.83 -18.31
N GLN C 206 -19.99 10.12 -17.98
CA GLN C 206 -19.91 11.15 -19.01
C GLN C 206 -18.49 11.23 -19.55
N MET C 207 -17.51 11.13 -18.65
CA MET C 207 -16.11 11.18 -19.06
C MET C 207 -15.86 9.99 -19.96
N GLY C 208 -16.46 8.86 -19.61
CA GLY C 208 -16.31 7.65 -20.40
C GLY C 208 -16.87 7.82 -21.80
N LYS C 209 -18.01 8.50 -21.89
CA LYS C 209 -18.65 8.74 -23.18
C LYS C 209 -17.76 9.54 -24.11
N GLU C 210 -17.31 10.71 -23.64
CA GLU C 210 -16.44 11.54 -24.47
C GLU C 210 -15.09 10.90 -24.71
N LEU C 211 -14.65 10.07 -23.78
CA LEU C 211 -13.37 9.39 -23.91
C LEU C 211 -13.49 8.34 -25.03
N ALA C 212 -14.65 7.69 -25.09
CA ALA C 212 -14.90 6.69 -26.12
C ALA C 212 -14.87 7.34 -27.48
N GLU C 213 -15.37 8.58 -27.56
CA GLU C 213 -15.38 9.32 -28.81
C GLU C 213 -13.95 9.60 -29.27
N GLN C 214 -13.12 10.09 -28.35
CA GLN C 214 -11.73 10.40 -28.68
C GLN C 214 -10.96 9.14 -29.08
N LEU C 215 -11.17 8.06 -28.34
CA LEU C 215 -10.50 6.80 -28.64
C LEU C 215 -10.85 6.34 -30.04
N GLY C 216 -12.13 6.47 -30.40
CA GLY C 216 -12.57 6.07 -31.72
C GLY C 216 -11.81 6.81 -32.79
N THR C 217 -11.67 8.13 -32.60
CA THR C 217 -10.97 8.99 -33.55
C THR C 217 -9.50 8.62 -33.69
N VAL C 218 -8.82 8.42 -32.57
CA VAL C 218 -7.40 8.06 -32.60
C VAL C 218 -7.21 6.66 -33.18
N GLU C 219 -8.11 5.75 -32.82
CA GLU C 219 -8.04 4.38 -33.30
C GLU C 219 -8.07 4.37 -34.83
N GLN C 220 -8.99 5.15 -35.39
CA GLN C 220 -9.13 5.23 -36.84
C GLN C 220 -7.89 5.84 -37.50
N ARG C 221 -7.35 6.88 -36.88
CA ARG C 221 -6.16 7.54 -37.40
C ARG C 221 -4.99 6.56 -37.44
N ILE C 222 -4.91 5.72 -36.43
CA ILE C 222 -3.85 4.72 -36.35
C ILE C 222 -3.94 3.69 -37.48
N TYR C 223 -5.16 3.25 -37.77
CA TYR C 223 -5.35 2.26 -38.84
C TYR C 223 -4.98 2.90 -40.17
N GLU C 224 -5.38 4.16 -40.35
CA GLU C 224 -5.07 4.91 -41.56
C GLU C 224 -3.57 5.00 -41.75
N LEU C 225 -2.87 5.44 -40.70
CA LEU C 225 -1.42 5.58 -40.76
C LEU C 225 -0.70 4.24 -40.94
N ALA C 226 -1.29 3.17 -40.43
CA ALA C 226 -0.68 1.85 -40.56
C ALA C 226 -1.05 1.21 -41.89
N GLY C 227 -2.14 1.68 -42.49
CA GLY C 227 -2.56 1.14 -43.77
C GLY C 227 -3.38 -0.13 -43.62
N GLN C 228 -3.79 -0.44 -42.39
CA GLN C 228 -4.59 -1.62 -42.12
C GLN C 228 -5.06 -1.65 -40.67
N GLU C 229 -6.09 -2.45 -40.42
CA GLU C 229 -6.63 -2.57 -39.07
C GLU C 229 -5.92 -3.70 -38.32
N PHE C 230 -5.75 -3.50 -37.01
CA PHE C 230 -5.10 -4.50 -36.17
C PHE C 230 -5.43 -4.18 -34.72
N ASN C 231 -5.13 -5.11 -33.81
CA ASN C 231 -5.41 -4.87 -32.41
C ASN C 231 -4.29 -4.04 -31.79
N ILE C 232 -4.54 -2.76 -31.62
CA ILE C 232 -3.55 -1.85 -31.05
C ILE C 232 -3.14 -2.29 -29.65
N ASN C 233 -4.05 -2.97 -28.95
CA ASN C 233 -3.80 -3.43 -27.59
C ASN C 233 -2.98 -4.72 -27.53
N SER C 234 -2.53 -5.19 -28.69
CA SER C 234 -1.71 -6.39 -28.76
C SER C 234 -0.27 -6.02 -29.07
N PRO C 235 0.63 -6.13 -28.08
CA PRO C 235 2.05 -5.78 -28.29
C PRO C 235 2.65 -6.57 -29.45
N LYS C 236 2.16 -7.80 -29.65
CA LYS C 236 2.63 -8.67 -30.71
C LYS C 236 2.20 -8.12 -32.07
N GLN C 237 0.92 -7.81 -32.20
CA GLN C 237 0.39 -7.27 -33.47
C GLN C 237 0.95 -5.88 -33.74
N LEU C 238 1.04 -5.06 -32.69
CA LEU C 238 1.56 -3.71 -32.83
C LEU C 238 3.03 -3.79 -33.25
N GLY C 239 3.76 -4.73 -32.67
CA GLY C 239 5.17 -4.89 -33.00
C GLY C 239 5.37 -5.19 -34.47
N VAL C 240 4.48 -6.00 -35.03
CA VAL C 240 4.57 -6.35 -36.45
C VAL C 240 4.38 -5.11 -37.31
N ILE C 241 3.37 -4.31 -36.98
CA ILE C 241 3.08 -3.09 -37.73
C ILE C 241 4.26 -2.11 -37.69
N LEU C 242 4.77 -1.86 -36.49
CA LEU C 242 5.85 -0.90 -36.31
C LEU C 242 7.24 -1.32 -36.78
N PHE C 243 7.66 -2.51 -36.40
CA PHE C 243 9.00 -2.98 -36.72
C PHE C 243 9.16 -3.80 -37.98
N GLU C 244 8.04 -4.21 -38.58
CA GLU C 244 8.09 -4.97 -39.81
C GLU C 244 7.47 -4.19 -40.95
N LYS C 245 6.21 -3.81 -40.82
CA LYS C 245 5.53 -3.07 -41.89
C LYS C 245 6.09 -1.66 -42.08
N LEU C 246 6.28 -0.93 -40.98
CA LEU C 246 6.78 0.44 -41.06
C LEU C 246 8.29 0.56 -40.91
N GLN C 247 8.95 -0.56 -40.65
CA GLN C 247 10.41 -0.60 -40.55
C GLN C 247 11.04 0.31 -39.51
N LEU C 248 10.34 0.59 -38.42
CA LEU C 248 10.91 1.44 -37.40
C LEU C 248 12.06 0.68 -36.75
N PRO C 249 13.08 1.40 -36.27
CA PRO C 249 14.21 0.71 -35.63
C PRO C 249 13.85 -0.02 -34.35
N VAL C 250 14.49 -1.16 -34.14
CA VAL C 250 14.26 -1.95 -32.93
C VAL C 250 15.36 -1.55 -31.96
N LEU C 251 15.00 -0.76 -30.96
CA LEU C 251 15.96 -0.28 -29.97
C LEU C 251 15.92 -1.10 -28.70
N LYS C 252 14.85 -1.86 -28.53
CA LYS C 252 14.70 -2.69 -27.33
C LYS C 252 13.81 -3.90 -27.60
N LYS C 253 14.17 -5.02 -26.99
CA LYS C 253 13.41 -6.26 -27.16
C LYS C 253 12.94 -6.75 -25.80
N THR C 254 11.86 -7.51 -25.80
CA THR C 254 11.32 -8.08 -24.57
C THR C 254 11.70 -9.55 -24.57
N LYS C 255 11.53 -10.20 -23.41
CA LYS C 255 11.87 -11.61 -23.29
C LYS C 255 11.17 -12.44 -24.37
N THR C 256 10.07 -11.93 -24.91
CA THR C 256 9.31 -12.66 -25.92
C THR C 256 9.32 -12.07 -27.34
N GLY C 257 9.53 -10.75 -27.45
CA GLY C 257 9.54 -10.14 -28.77
C GLY C 257 9.97 -8.69 -28.79
N TYR C 258 9.30 -7.89 -29.62
CA TYR C 258 9.60 -6.47 -29.74
C TYR C 258 9.01 -5.70 -28.56
N SER C 259 9.76 -4.74 -28.04
CA SER C 259 9.25 -3.93 -26.94
C SER C 259 8.47 -2.77 -27.56
N THR C 260 7.31 -2.47 -26.99
CA THR C 260 6.49 -1.36 -27.49
C THR C 260 6.10 -0.45 -26.33
N SER C 261 6.89 -0.48 -25.27
CA SER C 261 6.60 0.35 -24.10
C SER C 261 6.72 1.82 -24.46
N ALA C 262 6.09 2.68 -23.66
CA ALA C 262 6.11 4.11 -23.89
C ALA C 262 7.52 4.66 -24.01
N ASP C 263 8.43 4.15 -23.19
CA ASP C 263 9.82 4.60 -23.20
C ASP C 263 10.43 4.42 -24.59
N VAL C 264 10.19 3.26 -25.19
CA VAL C 264 10.70 2.95 -26.52
C VAL C 264 10.01 3.80 -27.57
N LEU C 265 8.68 3.87 -27.50
CA LEU C 265 7.90 4.64 -28.46
C LEU C 265 8.30 6.10 -28.55
N GLU C 266 8.57 6.74 -27.40
CA GLU C 266 8.96 8.14 -27.39
C GLU C 266 10.19 8.37 -28.27
N LYS C 267 11.11 7.41 -28.27
CA LYS C 267 12.31 7.52 -29.07
C LYS C 267 12.04 7.32 -30.57
N LEU C 268 10.97 6.61 -30.89
CA LEU C 268 10.61 6.35 -32.28
C LEU C 268 9.70 7.40 -32.92
N ALA C 269 9.11 8.26 -32.08
CA ALA C 269 8.19 9.29 -32.56
C ALA C 269 8.64 10.08 -33.79
N PRO C 270 9.90 10.55 -33.80
CA PRO C 270 10.36 11.32 -34.97
C PRO C 270 10.37 10.59 -36.32
N TYR C 271 10.29 9.27 -36.30
CA TYR C 271 10.31 8.50 -37.54
C TYR C 271 8.97 8.33 -38.24
N HIS C 272 7.89 8.32 -37.47
CA HIS C 272 6.57 8.13 -38.08
C HIS C 272 5.45 8.71 -37.23
N GLU C 273 4.47 9.31 -37.91
CA GLU C 273 3.32 9.94 -37.26
C GLU C 273 2.44 8.97 -36.50
N ILE C 274 2.58 7.67 -36.77
CA ILE C 274 1.74 6.70 -36.07
C ILE C 274 2.11 6.60 -34.59
N VAL C 275 3.38 6.80 -34.27
CA VAL C 275 3.84 6.68 -32.89
C VAL C 275 3.14 7.59 -31.88
N GLU C 276 3.07 8.88 -32.19
CA GLU C 276 2.42 9.82 -31.27
C GLU C 276 0.98 9.41 -31.03
N ASN C 277 0.32 8.93 -32.07
CA ASN C 277 -1.07 8.49 -31.96
C ASN C 277 -1.21 7.25 -31.10
N ILE C 278 -0.25 6.33 -31.19
CA ILE C 278 -0.30 5.12 -30.37
C ILE C 278 -0.14 5.50 -28.91
N LEU C 279 0.76 6.44 -28.63
CA LEU C 279 0.98 6.89 -27.26
C LEU C 279 -0.29 7.54 -26.72
N HIS C 280 -0.95 8.33 -27.56
CA HIS C 280 -2.19 9.00 -27.16
C HIS C 280 -3.27 7.95 -26.90
N TYR C 281 -3.33 6.95 -27.77
CA TYR C 281 -4.29 5.87 -27.64
C TYR C 281 -4.04 5.12 -26.32
N ARG C 282 -2.77 4.89 -26.01
CA ARG C 282 -2.39 4.19 -24.79
C ARG C 282 -2.85 4.97 -23.55
N GLN C 283 -2.70 6.29 -23.60
CA GLN C 283 -3.11 7.12 -22.47
C GLN C 283 -4.61 7.05 -22.23
N LEU C 284 -5.39 7.30 -23.29
CA LEU C 284 -6.84 7.28 -23.19
C LEU C 284 -7.36 5.88 -22.87
N GLY C 285 -6.75 4.87 -23.49
CA GLY C 285 -7.16 3.50 -23.26
C GLY C 285 -6.99 3.08 -21.81
N LYS C 286 -5.89 3.52 -21.21
CA LYS C 286 -5.60 3.20 -19.82
C LYS C 286 -6.69 3.81 -18.94
N LEU C 287 -7.03 5.07 -19.22
CA LEU C 287 -8.06 5.77 -18.47
C LEU C 287 -9.41 5.09 -18.61
N GLN C 288 -9.77 4.74 -19.83
CA GLN C 288 -11.05 4.09 -20.11
C GLN C 288 -11.21 2.72 -19.46
N SER C 289 -10.28 1.83 -19.73
CA SER C 289 -10.35 0.47 -19.19
C SER C 289 -10.14 0.35 -17.68
N THR C 290 -9.13 1.04 -17.17
CA THR C 290 -8.81 0.95 -15.76
C THR C 290 -9.49 1.94 -14.83
N TYR C 291 -9.55 3.21 -15.22
CA TYR C 291 -10.13 4.22 -14.35
C TYR C 291 -11.57 4.67 -14.59
N ILE C 292 -12.18 4.19 -15.65
CA ILE C 292 -13.57 4.54 -15.89
C ILE C 292 -14.39 3.28 -15.76
N GLU C 293 -14.16 2.33 -16.66
CA GLU C 293 -14.89 1.07 -16.63
C GLU C 293 -14.56 0.25 -15.38
N GLY C 294 -13.27 0.12 -15.11
CA GLY C 294 -12.84 -0.65 -13.94
C GLY C 294 -13.36 -0.10 -12.64
N LEU C 295 -13.35 1.23 -12.51
CA LEU C 295 -13.83 1.89 -11.30
C LEU C 295 -15.33 1.70 -11.15
N LEU C 296 -16.07 1.95 -12.23
CA LEU C 296 -17.51 1.80 -12.22
C LEU C 296 -17.96 0.40 -11.83
N LYS C 297 -17.12 -0.59 -12.10
CA LYS C 297 -17.44 -1.98 -11.78
C LYS C 297 -17.46 -2.28 -10.28
N VAL C 298 -16.68 -1.55 -9.50
CA VAL C 298 -16.61 -1.79 -8.07
C VAL C 298 -17.33 -0.79 -7.19
N VAL C 299 -18.10 0.10 -7.79
CA VAL C 299 -18.85 1.08 -7.01
C VAL C 299 -20.12 0.36 -6.53
N ARG C 300 -20.42 0.49 -5.24
CA ARG C 300 -21.62 -0.13 -4.68
C ARG C 300 -22.81 0.72 -5.14
N PRO C 301 -23.69 0.16 -5.97
CA PRO C 301 -24.86 0.88 -6.49
C PRO C 301 -25.85 1.45 -5.49
N ASP C 302 -25.89 0.89 -4.29
CA ASP C 302 -26.82 1.37 -3.27
C ASP C 302 -26.31 2.56 -2.47
N THR C 303 -25.00 2.76 -2.47
CA THR C 303 -24.41 3.86 -1.73
C THR C 303 -23.47 4.69 -2.61
N LYS C 304 -23.25 4.19 -3.82
CA LYS C 304 -22.39 4.85 -4.78
C LYS C 304 -21.02 5.15 -4.21
N LYS C 305 -20.51 4.23 -3.38
CA LYS C 305 -19.19 4.39 -2.79
C LYS C 305 -18.33 3.21 -3.18
N VAL C 306 -17.02 3.40 -3.15
CA VAL C 306 -16.09 2.31 -3.40
C VAL C 306 -15.52 2.02 -2.01
N HIS C 307 -15.35 0.74 -1.71
CA HIS C 307 -14.80 0.33 -0.42
C HIS C 307 -13.55 -0.48 -0.67
N THR C 308 -12.41 0.19 -0.71
CA THR C 308 -11.15 -0.48 -0.95
C THR C 308 -10.82 -1.39 0.22
N ILE C 309 -9.83 -2.24 0.03
CA ILE C 309 -9.36 -3.08 1.11
C ILE C 309 -7.87 -2.81 1.15
N PHE C 310 -7.39 -2.34 2.29
CA PHE C 310 -5.97 -2.06 2.43
C PHE C 310 -5.27 -3.33 2.93
N ASN C 311 -4.28 -3.79 2.18
CA ASN C 311 -3.54 -4.96 2.60
C ASN C 311 -2.43 -4.42 3.49
N GLN C 312 -2.53 -4.73 4.78
CA GLN C 312 -1.57 -4.26 5.77
C GLN C 312 -0.40 -5.21 6.00
N ALA C 313 -0.45 -6.40 5.40
CA ALA C 313 0.60 -7.40 5.61
C ALA C 313 1.13 -7.97 4.31
N LEU C 314 1.49 -7.09 3.38
CA LEU C 314 1.99 -7.56 2.10
C LEU C 314 3.37 -7.05 1.70
N THR C 315 3.55 -5.73 1.69
CA THR C 315 4.83 -5.14 1.26
C THR C 315 6.02 -5.42 2.16
N GLN C 316 7.18 -5.53 1.52
CA GLN C 316 8.42 -5.80 2.21
C GLN C 316 9.01 -4.56 2.88
N THR C 317 8.39 -3.41 2.66
CA THR C 317 8.90 -2.17 3.25
C THR C 317 8.05 -1.62 4.38
N GLY C 318 6.83 -2.11 4.53
CA GLY C 318 5.96 -1.62 5.58
C GLY C 318 4.86 -0.75 5.03
N ARG C 319 4.89 -0.49 3.73
CA ARG C 319 3.87 0.32 3.09
C ARG C 319 2.58 -0.48 3.03
N LEU C 320 1.46 0.21 2.84
CA LEU C 320 0.17 -0.46 2.71
C LEU C 320 -0.02 -0.62 1.21
N SER C 321 -0.98 -1.47 0.80
CA SER C 321 -1.32 -1.58 -0.61
C SER C 321 -2.85 -1.46 -0.59
N SER C 322 -3.44 -1.16 -1.74
CA SER C 322 -4.89 -0.97 -1.84
C SER C 322 -5.46 -1.76 -3.01
N THR C 323 -6.61 -2.41 -2.80
CA THR C 323 -7.22 -3.22 -3.86
C THR C 323 -8.74 -3.11 -3.96
N GLU C 324 -9.26 -3.39 -5.14
CA GLU C 324 -10.70 -3.39 -5.43
C GLU C 324 -11.53 -2.24 -4.87
N PRO C 325 -11.25 -1.01 -5.31
CA PRO C 325 -10.24 -0.61 -6.28
C PRO C 325 -8.94 -0.19 -5.62
N ASN C 326 -7.89 -0.05 -6.42
CA ASN C 326 -6.62 0.43 -5.91
C ASN C 326 -6.83 1.94 -5.91
N LEU C 327 -6.85 2.54 -4.73
CA LEU C 327 -7.04 3.98 -4.64
C LEU C 327 -5.72 4.71 -4.42
N GLN C 328 -4.61 3.99 -4.56
CA GLN C 328 -3.30 4.59 -4.38
C GLN C 328 -2.60 4.90 -5.70
N ASN C 329 -3.32 4.75 -6.81
CA ASN C 329 -2.73 5.05 -8.11
C ASN C 329 -3.70 5.73 -9.07
N ILE C 330 -4.55 6.60 -8.53
CA ILE C 330 -5.52 7.33 -9.36
C ILE C 330 -4.68 8.40 -10.06
N PRO C 331 -4.89 8.57 -11.38
CA PRO C 331 -4.13 9.56 -12.18
C PRO C 331 -4.05 10.96 -11.58
N ILE C 332 -2.91 11.61 -11.81
CA ILE C 332 -2.70 12.97 -11.32
C ILE C 332 -1.62 13.72 -12.09
N ARG C 333 -0.66 12.98 -12.64
CA ARG C 333 0.47 13.56 -13.37
C ARG C 333 0.07 14.32 -14.64
N LEU C 334 -0.81 13.73 -15.43
CA LEU C 334 -1.27 14.38 -16.67
C LEU C 334 -2.69 14.88 -16.46
N GLU C 335 -2.96 16.11 -16.90
CA GLU C 335 -4.27 16.73 -16.72
C GLU C 335 -5.48 15.91 -17.15
N GLU C 336 -5.40 15.24 -18.31
CA GLU C 336 -6.55 14.46 -18.77
C GLU C 336 -6.91 13.38 -17.75
N GLY C 337 -5.89 12.68 -17.26
CA GLY C 337 -6.13 11.63 -16.28
C GLY C 337 -6.50 12.19 -14.92
N ARG C 338 -5.91 13.33 -14.56
CA ARG C 338 -6.18 13.96 -13.28
C ARG C 338 -7.67 14.27 -13.11
N LYS C 339 -8.35 14.55 -14.20
CA LYS C 339 -9.77 14.86 -14.16
C LYS C 339 -10.60 13.72 -13.56
N ILE C 340 -10.06 12.51 -13.58
CA ILE C 340 -10.76 11.38 -13.01
C ILE C 340 -11.06 11.64 -11.54
N ARG C 341 -10.19 12.43 -10.89
CA ARG C 341 -10.37 12.74 -9.48
C ARG C 341 -11.58 13.62 -9.19
N GLN C 342 -12.16 14.20 -10.24
CA GLN C 342 -13.35 15.02 -10.04
C GLN C 342 -14.55 14.12 -9.71
N ALA C 343 -14.37 12.81 -9.92
CA ALA C 343 -15.43 11.85 -9.66
C ALA C 343 -15.47 11.38 -8.21
N PHE C 344 -14.42 11.70 -7.44
CA PHE C 344 -14.34 11.31 -6.03
C PHE C 344 -14.80 12.52 -5.25
N VAL C 345 -15.97 12.37 -4.61
CA VAL C 345 -16.60 13.47 -3.89
C VAL C 345 -16.89 13.17 -2.42
N PRO C 346 -17.24 14.21 -1.64
CA PRO C 346 -17.55 14.02 -0.22
C PRO C 346 -18.79 13.15 -0.10
N SER C 347 -18.91 12.40 0.99
CA SER C 347 -20.05 11.51 1.17
C SER C 347 -21.31 12.22 1.65
N GLU C 348 -21.18 13.46 2.09
CA GLU C 348 -22.35 14.20 2.56
C GLU C 348 -22.44 15.60 1.99
N SER C 349 -23.66 16.13 2.02
CA SER C 349 -23.91 17.47 1.53
C SER C 349 -23.15 18.45 2.40
N ASP C 350 -22.54 19.44 1.77
CA ASP C 350 -21.80 20.47 2.47
C ASP C 350 -20.53 20.00 3.16
N TRP C 351 -19.98 18.89 2.69
CA TRP C 351 -18.74 18.36 3.23
C TRP C 351 -17.70 18.62 2.16
N LEU C 352 -16.43 18.53 2.52
CA LEU C 352 -15.35 18.76 1.56
C LEU C 352 -14.25 17.73 1.73
N ILE C 353 -13.39 17.61 0.73
CA ILE C 353 -12.26 16.69 0.75
C ILE C 353 -11.04 17.48 1.21
N PHE C 354 -10.27 16.92 2.14
CA PHE C 354 -9.07 17.58 2.68
C PHE C 354 -7.91 16.61 2.47
N ALA C 355 -6.84 17.08 1.84
CA ALA C 355 -5.68 16.23 1.58
C ALA C 355 -4.40 16.87 2.09
N ALA C 356 -3.63 16.10 2.86
CA ALA C 356 -2.37 16.61 3.41
C ALA C 356 -1.29 15.62 3.04
N ASP C 357 -0.13 16.13 2.61
CA ASP C 357 0.97 15.27 2.21
C ASP C 357 2.31 15.77 2.75
N TYR C 358 3.19 14.82 3.06
CA TYR C 358 4.53 15.18 3.54
C TYR C 358 5.34 15.65 2.36
N SER C 359 6.14 16.67 2.57
CA SER C 359 7.01 17.19 1.52
C SER C 359 8.36 16.49 1.67
N GLN C 360 8.72 15.69 0.68
CA GLN C 360 9.99 14.98 0.65
C GLN C 360 10.30 14.22 1.94
N ILE C 361 9.35 13.44 2.43
CA ILE C 361 9.60 12.70 3.67
C ILE C 361 10.74 11.69 3.55
N GLU C 362 10.87 11.05 2.39
CA GLU C 362 11.93 10.05 2.24
C GLU C 362 13.32 10.66 2.31
N LEU C 363 13.52 11.81 1.67
CA LEU C 363 14.84 12.44 1.71
C LEU C 363 15.11 13.04 3.09
N ARG C 364 14.07 13.47 3.78
CA ARG C 364 14.23 14.04 5.12
C ARG C 364 14.63 12.91 6.05
N VAL C 365 14.03 11.73 5.84
CA VAL C 365 14.34 10.55 6.63
C VAL C 365 15.81 10.18 6.39
N LEU C 366 16.25 10.25 5.14
CA LEU C 366 17.64 9.93 4.80
C LEU C 366 18.62 10.91 5.47
N ALA C 367 18.25 12.19 5.50
CA ALA C 367 19.07 13.22 6.12
C ALA C 367 19.26 12.85 7.58
N HIS C 368 18.17 12.44 8.21
CA HIS C 368 18.16 12.04 9.62
C HIS C 368 19.01 10.80 9.90
N ILE C 369 18.76 9.73 9.15
CA ILE C 369 19.48 8.48 9.36
C ILE C 369 20.96 8.55 9.04
N ALA C 370 21.30 9.22 7.94
CA ALA C 370 22.69 9.34 7.54
C ALA C 370 23.43 10.44 8.27
N GLU C 371 22.68 11.36 8.86
CA GLU C 371 23.26 12.50 9.57
C GLU C 371 24.20 13.24 8.64
N ASP C 372 23.77 13.42 7.40
CA ASP C 372 24.58 14.13 6.43
C ASP C 372 24.39 15.62 6.69
N ASP C 373 25.47 16.30 7.05
CA ASP C 373 25.40 17.73 7.37
C ASP C 373 24.82 18.59 6.27
N ASN C 374 25.23 18.35 5.03
CA ASN C 374 24.75 19.14 3.92
C ASN C 374 23.26 18.92 3.67
N LEU C 375 22.82 17.67 3.70
CA LEU C 375 21.42 17.36 3.47
C LEU C 375 20.55 17.88 4.62
N MET C 376 21.02 17.72 5.86
CA MET C 376 20.24 18.22 6.98
C MET C 376 20.08 19.74 6.93
N GLU C 377 21.16 20.45 6.62
CA GLU C 377 21.10 21.91 6.51
C GLU C 377 20.12 22.31 5.41
N ALA C 378 20.13 21.57 4.30
CA ALA C 378 19.22 21.85 3.19
C ALA C 378 17.77 21.85 3.66
N PHE C 379 17.37 20.83 4.42
CA PHE C 379 16.00 20.75 4.88
C PHE C 379 15.71 21.72 6.01
N ARG C 380 16.73 22.05 6.79
CA ARG C 380 16.55 23.00 7.88
C ARG C 380 16.24 24.37 7.27
N ARG C 381 16.73 24.59 6.05
CA ARG C 381 16.49 25.83 5.34
C ARG C 381 15.25 25.69 4.46
N ASP C 382 14.61 24.53 4.52
CA ASP C 382 13.44 24.21 3.71
C ASP C 382 13.67 24.62 2.27
N LEU C 383 14.81 24.23 1.73
CA LEU C 383 15.18 24.54 0.35
C LEU C 383 14.51 23.61 -0.66
N ASP C 384 14.50 24.03 -1.92
CA ASP C 384 13.97 23.17 -2.98
C ASP C 384 15.10 22.16 -3.07
N ILE C 385 14.86 20.94 -2.61
CA ILE C 385 15.92 19.93 -2.60
C ILE C 385 16.50 19.55 -3.96
N HIS C 386 15.71 19.64 -5.02
CA HIS C 386 16.23 19.29 -6.34
C HIS C 386 17.18 20.37 -6.86
N THR C 387 16.79 21.63 -6.67
CA THR C 387 17.61 22.76 -7.10
C THR C 387 18.90 22.75 -6.29
N LYS C 388 18.78 22.47 -5.00
CA LYS C 388 19.95 22.41 -4.12
C LYS C 388 20.91 21.29 -4.54
N THR C 389 20.33 20.14 -4.89
CA THR C 389 21.15 19.01 -5.30
C THR C 389 21.88 19.36 -6.60
N ALA C 390 21.20 20.07 -7.49
CA ALA C 390 21.77 20.48 -8.77
C ALA C 390 22.94 21.44 -8.53
N MET C 391 22.73 22.40 -7.63
CA MET C 391 23.77 23.37 -7.31
C MET C 391 25.06 22.68 -6.87
N ASP C 392 24.91 21.67 -6.01
CA ASP C 392 26.05 20.94 -5.48
C ASP C 392 26.75 20.01 -6.47
N ILE C 393 26.00 19.19 -7.20
CA ILE C 393 26.64 18.28 -8.13
C ILE C 393 27.24 18.98 -9.34
N PHE C 394 26.61 20.06 -9.79
CA PHE C 394 27.12 20.79 -10.94
C PHE C 394 28.01 21.98 -10.59
N GLN C 395 28.14 22.25 -9.29
CA GLN C 395 28.98 23.34 -8.80
C GLN C 395 28.56 24.70 -9.37
N VAL C 396 27.28 25.04 -9.22
CA VAL C 396 26.80 26.32 -9.72
C VAL C 396 25.94 27.02 -8.67
N SER C 397 25.73 28.31 -8.85
CA SER C 397 24.90 29.08 -7.92
C SER C 397 23.44 28.77 -8.23
N GLU C 398 22.53 29.25 -7.38
CA GLU C 398 21.11 28.99 -7.60
C GLU C 398 20.56 29.54 -8.91
N ASP C 399 20.88 30.79 -9.23
CA ASP C 399 20.37 31.37 -10.46
C ASP C 399 21.05 30.78 -11.71
N GLU C 400 22.08 29.97 -11.50
CA GLU C 400 22.78 29.33 -12.61
C GLU C 400 22.21 27.95 -12.91
N VAL C 401 21.34 27.46 -12.03
CA VAL C 401 20.74 26.16 -12.24
C VAL C 401 19.70 26.24 -13.35
N THR C 402 19.90 25.45 -14.39
CA THR C 402 18.97 25.43 -15.51
C THR C 402 17.90 24.36 -15.29
N PRO C 403 16.79 24.45 -16.03
CA PRO C 403 15.71 23.47 -15.88
C PRO C 403 16.21 22.03 -16.05
N ASN C 404 17.07 21.80 -17.05
CA ASN C 404 17.56 20.45 -17.29
C ASN C 404 18.46 19.98 -16.15
N MET C 405 19.21 20.90 -15.55
CA MET C 405 20.07 20.54 -14.43
C MET C 405 19.19 20.07 -13.27
N ARG C 406 18.13 20.82 -12.99
CA ARG C 406 17.24 20.44 -11.90
C ARG C 406 16.57 19.11 -12.21
N ARG C 407 16.18 18.92 -13.47
CA ARG C 407 15.53 17.67 -13.88
C ARG C 407 16.43 16.47 -13.61
N GLN C 408 17.72 16.58 -13.91
CA GLN C 408 18.64 15.49 -13.69
C GLN C 408 18.92 15.30 -12.20
N ALA C 409 18.98 16.39 -11.45
CA ALA C 409 19.20 16.29 -10.01
C ALA C 409 18.00 15.59 -9.38
N LYS C 410 16.81 15.90 -9.89
CA LYS C 410 15.58 15.30 -9.39
C LYS C 410 15.57 13.80 -9.64
N ALA C 411 16.12 13.39 -10.79
CA ALA C 411 16.19 11.99 -11.16
C ALA C 411 17.13 11.25 -10.22
N VAL C 412 18.23 11.92 -9.84
CA VAL C 412 19.18 11.33 -8.92
C VAL C 412 18.49 11.15 -7.57
N ASN C 413 17.74 12.15 -7.14
CA ASN C 413 17.03 12.06 -5.85
C ASN C 413 15.95 10.98 -5.89
N PHE C 414 15.22 10.91 -6.98
CA PHE C 414 14.18 9.89 -7.15
C PHE C 414 14.82 8.52 -6.99
N GLY C 415 16.02 8.38 -7.55
CA GLY C 415 16.74 7.12 -7.48
C GLY C 415 17.51 6.88 -6.21
N ILE C 416 18.27 7.88 -5.76
CA ILE C 416 19.08 7.78 -4.54
C ILE C 416 18.33 7.06 -3.43
N VAL C 417 17.04 7.32 -3.34
CA VAL C 417 16.18 6.70 -2.35
C VAL C 417 16.09 5.20 -2.57
N TYR C 418 15.84 4.81 -3.82
CA TYR C 418 15.69 3.42 -4.19
C TYR C 418 17.03 2.72 -4.43
N GLY C 419 18.11 3.32 -3.94
CA GLY C 419 19.44 2.77 -4.09
C GLY C 419 19.88 2.61 -5.53
N ILE C 420 19.11 3.20 -6.45
CA ILE C 420 19.38 3.15 -7.89
C ILE C 420 20.87 3.08 -8.24
N SER C 421 21.20 2.29 -9.25
CA SER C 421 22.58 2.11 -9.70
C SER C 421 22.86 2.91 -10.97
N ASP C 422 24.09 2.80 -11.48
CA ASP C 422 24.48 3.52 -12.68
C ASP C 422 23.62 3.13 -13.89
N TYR C 423 23.20 1.86 -13.95
CA TYR C 423 22.38 1.38 -15.05
C TYR C 423 20.90 1.69 -14.84
N GLY C 424 20.53 2.03 -13.62
CA GLY C 424 19.13 2.36 -13.35
C GLY C 424 18.84 3.81 -13.63
N LEU C 425 19.76 4.67 -13.22
CA LEU C 425 19.62 6.11 -13.42
C LEU C 425 19.78 6.43 -14.91
N ALA C 426 20.72 5.74 -15.55
CA ALA C 426 21.00 5.92 -16.98
C ALA C 426 19.74 5.84 -17.84
N GLN C 427 18.91 4.82 -17.57
CA GLN C 427 17.68 4.63 -18.33
C GLN C 427 16.72 5.81 -18.13
N ASN C 428 16.57 6.25 -16.89
CA ASN C 428 15.68 7.37 -16.59
C ASN C 428 16.18 8.69 -17.17
N LEU C 429 17.49 8.83 -17.27
CA LEU C 429 18.09 10.05 -17.81
C LEU C 429 18.53 9.88 -19.27
N ASN C 430 18.26 8.70 -19.82
CA ASN C 430 18.62 8.39 -21.19
C ASN C 430 20.08 8.77 -21.46
N ILE C 431 20.97 8.21 -20.66
CA ILE C 431 22.41 8.46 -20.77
C ILE C 431 23.19 7.16 -20.62
N SER C 432 24.52 7.25 -20.55
CA SER C 432 25.35 6.06 -20.42
C SER C 432 25.70 5.77 -18.96
N ARG C 433 26.27 4.58 -18.73
CA ARG C 433 26.67 4.16 -17.39
C ARG C 433 27.79 5.02 -16.84
N LYS C 434 28.89 5.11 -17.57
CA LYS C 434 30.04 5.90 -17.15
C LYS C 434 29.60 7.30 -16.70
N GLU C 435 28.69 7.90 -17.46
CA GLU C 435 28.19 9.23 -17.15
C GLU C 435 27.36 9.21 -15.87
N ALA C 436 26.36 8.33 -15.84
CA ALA C 436 25.49 8.19 -14.67
C ALA C 436 26.33 7.91 -13.43
N ALA C 437 27.36 7.08 -13.59
CA ALA C 437 28.24 6.74 -12.49
C ALA C 437 28.91 8.00 -11.97
N GLU C 438 29.32 8.87 -12.88
CA GLU C 438 29.96 10.12 -12.51
C GLU C 438 28.98 11.04 -11.78
N PHE C 439 27.70 10.91 -12.09
CA PHE C 439 26.68 11.71 -11.44
C PHE C 439 26.57 11.28 -9.98
N ILE C 440 26.49 9.97 -9.78
CA ILE C 440 26.39 9.39 -8.45
C ILE C 440 27.65 9.74 -7.67
N GLU C 441 28.80 9.64 -8.34
CA GLU C 441 30.08 9.96 -7.73
C GLU C 441 30.05 11.40 -7.24
N ARG C 442 29.53 12.29 -8.09
CA ARG C 442 29.44 13.70 -7.76
C ARG C 442 28.49 13.92 -6.58
N TYR C 443 27.41 13.15 -6.55
CA TYR C 443 26.43 13.26 -5.47
C TYR C 443 27.10 12.94 -4.15
N PHE C 444 27.81 11.82 -4.11
CA PHE C 444 28.48 11.40 -2.89
C PHE C 444 29.55 12.37 -2.43
N GLU C 445 30.13 13.11 -3.37
CA GLU C 445 31.16 14.09 -3.03
C GLU C 445 30.48 15.25 -2.32
N SER C 446 29.23 15.51 -2.70
CA SER C 446 28.45 16.59 -2.11
C SER C 446 27.75 16.15 -0.83
N PHE C 447 27.39 14.87 -0.77
CA PHE C 447 26.70 14.31 0.40
C PHE C 447 27.46 13.09 0.93
N PRO C 448 28.64 13.32 1.50
CA PRO C 448 29.50 12.26 2.06
C PRO C 448 28.84 11.44 3.15
N GLY C 449 27.94 12.06 3.90
CA GLY C 449 27.24 11.37 4.97
C GLY C 449 26.32 10.31 4.38
N VAL C 450 25.71 10.63 3.24
CA VAL C 450 24.83 9.68 2.58
C VAL C 450 25.66 8.52 2.04
N LYS C 451 26.85 8.83 1.51
CA LYS C 451 27.71 7.78 0.98
C LYS C 451 28.09 6.85 2.12
N ARG C 452 28.45 7.42 3.26
CA ARG C 452 28.83 6.63 4.42
C ARG C 452 27.67 5.73 4.88
N TYR C 453 26.45 6.26 4.87
CA TYR C 453 25.28 5.50 5.25
C TYR C 453 25.08 4.30 4.31
N MET C 454 25.18 4.55 3.02
CA MET C 454 24.98 3.50 2.03
C MET C 454 26.01 2.39 2.22
N GLU C 455 27.25 2.75 2.52
CA GLU C 455 28.30 1.76 2.74
C GLU C 455 28.02 1.01 4.04
N ASN C 456 27.71 1.75 5.09
CA ASN C 456 27.45 1.15 6.40
C ASN C 456 26.23 0.27 6.49
N ILE C 457 25.15 0.64 5.81
CA ILE C 457 23.93 -0.15 5.86
C ILE C 457 24.10 -1.48 5.11
N VAL C 458 24.84 -1.45 4.00
CA VAL C 458 25.09 -2.67 3.24
C VAL C 458 25.91 -3.62 4.12
N GLN C 459 26.92 -3.10 4.80
CA GLN C 459 27.74 -3.92 5.69
C GLN C 459 26.91 -4.47 6.83
N GLU C 460 26.00 -3.65 7.35
CA GLU C 460 25.14 -4.07 8.44
C GLU C 460 24.21 -5.20 7.99
N ALA C 461 23.64 -5.07 6.79
CA ALA C 461 22.74 -6.09 6.26
C ALA C 461 23.49 -7.40 6.11
N LYS C 462 24.75 -7.30 5.72
CA LYS C 462 25.57 -8.49 5.54
C LYS C 462 25.88 -9.13 6.90
N GLN C 463 26.22 -8.30 7.88
CA GLN C 463 26.56 -8.75 9.22
C GLN C 463 25.39 -9.35 10.00
N LYS C 464 24.27 -8.63 10.03
CA LYS C 464 23.10 -9.05 10.76
C LYS C 464 22.14 -9.95 9.99
N GLY C 465 22.10 -9.76 8.66
CA GLY C 465 21.22 -10.56 7.82
C GLY C 465 19.92 -9.83 7.52
N TYR C 466 19.79 -8.62 8.05
CA TYR C 466 18.59 -7.81 7.86
C TYR C 466 18.87 -6.35 8.13
N VAL C 467 17.93 -5.48 7.73
CA VAL C 467 18.04 -4.05 8.00
C VAL C 467 16.76 -3.69 8.72
N THR C 468 16.76 -2.57 9.43
CA THR C 468 15.59 -2.16 10.18
C THR C 468 15.19 -0.72 9.90
N THR C 469 14.00 -0.35 10.36
CA THR C 469 13.49 1.00 10.19
C THR C 469 13.47 1.72 11.54
N LEU C 470 13.12 2.99 11.51
CA LEU C 470 13.05 3.82 12.70
C LEU C 470 12.24 3.17 13.82
N LEU C 471 11.13 2.54 13.47
CA LEU C 471 10.29 1.91 14.48
C LEU C 471 10.48 0.40 14.63
N HIS C 472 11.64 -0.08 14.18
CA HIS C 472 12.03 -1.49 14.31
C HIS C 472 11.39 -2.52 13.40
N ARG C 473 10.91 -2.08 12.24
CA ARG C 473 10.37 -3.02 11.29
C ARG C 473 11.64 -3.64 10.71
N ARG C 474 11.60 -4.88 10.25
CA ARG C 474 12.80 -5.44 9.66
C ARG C 474 12.55 -6.15 8.34
N ARG C 475 13.61 -6.29 7.58
CA ARG C 475 13.56 -6.97 6.30
C ARG C 475 14.82 -7.80 6.16
N TYR C 476 14.66 -9.12 6.04
CA TYR C 476 15.83 -9.98 5.88
C TYR C 476 16.28 -9.92 4.44
N LEU C 477 17.59 -9.96 4.23
CA LEU C 477 18.15 -9.89 2.89
C LEU C 477 19.20 -10.99 2.67
N PRO C 478 18.75 -12.24 2.52
CA PRO C 478 19.65 -13.37 2.30
C PRO C 478 20.47 -13.27 1.01
N ASP C 479 19.94 -12.57 0.01
CA ASP C 479 20.64 -12.42 -1.26
C ASP C 479 21.84 -11.47 -1.18
N ILE C 480 21.99 -10.81 -0.04
CA ILE C 480 23.09 -9.87 0.16
C ILE C 480 24.45 -10.57 0.05
N THR C 481 24.48 -11.87 0.27
CA THR C 481 25.72 -12.64 0.21
C THR C 481 25.91 -13.43 -1.09
N SER C 482 24.93 -13.33 -1.99
CA SER C 482 24.99 -14.06 -3.26
C SER C 482 26.26 -13.75 -4.06
N ARG C 483 26.79 -14.76 -4.75
CA ARG C 483 27.97 -14.55 -5.57
C ARG C 483 27.60 -14.14 -6.98
N ASN C 484 26.30 -13.90 -7.19
CA ASN C 484 25.78 -13.45 -8.49
C ASN C 484 25.63 -11.93 -8.37
N PHE C 485 26.41 -11.19 -9.15
CA PHE C 485 26.40 -9.74 -9.11
C PHE C 485 25.02 -9.07 -9.15
N ASN C 486 24.17 -9.47 -10.09
CA ASN C 486 22.85 -8.87 -10.19
C ASN C 486 21.98 -9.15 -8.98
N VAL C 487 21.98 -10.39 -8.52
CA VAL C 487 21.18 -10.78 -7.36
C VAL C 487 21.67 -10.04 -6.12
N ARG C 488 22.98 -9.99 -5.93
CA ARG C 488 23.55 -9.32 -4.78
C ARG C 488 23.29 -7.81 -4.84
N SER C 489 23.46 -7.22 -6.02
CA SER C 489 23.25 -5.79 -6.20
C SER C 489 21.83 -5.38 -5.82
N PHE C 490 20.84 -6.19 -6.20
CA PHE C 490 19.47 -5.85 -5.86
C PHE C 490 19.31 -5.84 -4.35
N ALA C 491 19.85 -6.86 -3.69
CA ALA C 491 19.75 -6.95 -2.25
C ALA C 491 20.41 -5.73 -1.61
N GLU C 492 21.53 -5.29 -2.18
CA GLU C 492 22.22 -4.12 -1.65
C GLU C 492 21.36 -2.87 -1.77
N ARG C 493 20.68 -2.72 -2.89
CA ARG C 493 19.82 -1.56 -3.08
C ARG C 493 18.65 -1.62 -2.10
N MET C 494 18.19 -2.83 -1.80
CA MET C 494 17.09 -2.97 -0.86
C MET C 494 17.57 -2.64 0.55
N ALA C 495 18.82 -2.97 0.84
CA ALA C 495 19.37 -2.68 2.15
C ALA C 495 19.43 -1.17 2.34
N MET C 496 19.78 -0.46 1.26
CA MET C 496 19.88 0.99 1.31
C MET C 496 18.52 1.67 1.39
N ASN C 497 17.58 1.20 0.57
CA ASN C 497 16.24 1.77 0.46
C ASN C 497 15.22 1.45 1.55
N THR C 498 15.20 0.21 2.02
CA THR C 498 14.21 -0.18 3.03
C THR C 498 14.16 0.69 4.29
N PRO C 499 15.32 1.04 4.87
CA PRO C 499 15.24 1.88 6.08
C PRO C 499 14.63 3.25 5.76
N ILE C 500 14.78 3.68 4.52
CA ILE C 500 14.24 4.97 4.08
C ILE C 500 12.73 4.88 3.83
N GLN C 501 12.34 4.08 2.84
CA GLN C 501 10.92 3.92 2.53
C GLN C 501 10.16 3.35 3.73
N GLY C 502 10.80 2.40 4.42
CA GLY C 502 10.19 1.78 5.59
C GLY C 502 9.97 2.73 6.75
N SER C 503 10.96 3.57 7.04
CA SER C 503 10.79 4.53 8.14
C SER C 503 9.71 5.56 7.76
N ALA C 504 9.61 5.91 6.48
CA ALA C 504 8.59 6.88 6.06
C ALA C 504 7.21 6.25 6.25
N ALA C 505 7.12 4.94 6.06
CA ALA C 505 5.86 4.22 6.24
C ALA C 505 5.50 4.22 7.72
N ASP C 506 6.51 3.99 8.57
CA ASP C 506 6.33 3.97 10.02
C ASP C 506 5.75 5.30 10.49
N ILE C 507 6.38 6.38 10.03
CA ILE C 507 5.97 7.73 10.41
C ILE C 507 4.51 8.05 10.08
N ILE C 508 4.11 7.79 8.84
CA ILE C 508 2.74 8.11 8.49
C ILE C 508 1.73 7.21 9.21
N LYS C 509 2.09 5.96 9.49
CA LYS C 509 1.17 5.08 10.22
C LYS C 509 0.97 5.64 11.62
N LYS C 510 2.06 6.10 12.22
CA LYS C 510 2.00 6.68 13.56
C LYS C 510 1.16 7.96 13.50
N ALA C 511 1.30 8.71 12.41
CA ALA C 511 0.54 9.94 12.25
C ALA C 511 -0.95 9.65 12.18
N MET C 512 -1.31 8.56 11.52
CA MET C 512 -2.72 8.18 11.40
C MET C 512 -3.32 7.87 12.76
N ILE C 513 -2.56 7.15 13.58
CA ILE C 513 -3.00 6.82 14.93
C ILE C 513 -3.15 8.11 15.76
N ASP C 514 -2.14 8.96 15.75
CA ASP C 514 -2.19 10.21 16.50
C ASP C 514 -3.34 11.10 16.02
N LEU C 515 -3.54 11.17 14.70
CA LEU C 515 -4.60 11.97 14.13
C LEU C 515 -5.97 11.50 14.58
N ASN C 516 -6.22 10.19 14.53
CA ASN C 516 -7.51 9.69 14.95
C ASN C 516 -7.82 9.99 16.40
N ALA C 517 -6.80 9.95 17.26
CA ALA C 517 -7.01 10.23 18.67
C ALA C 517 -7.33 11.73 18.82
N ARG C 518 -6.65 12.57 18.06
CA ARG C 518 -6.90 14.01 18.12
C ARG C 518 -8.29 14.38 17.62
N LEU C 519 -8.73 13.73 16.54
CA LEU C 519 -10.05 14.01 15.99
C LEU C 519 -11.15 13.65 16.99
N LYS C 520 -10.93 12.57 17.73
CA LYS C 520 -11.91 12.12 18.71
C LYS C 520 -11.94 13.07 19.92
N GLU C 521 -10.76 13.50 20.37
CA GLU C 521 -10.65 14.42 21.50
C GLU C 521 -11.35 15.74 21.18
N GLU C 522 -11.26 16.16 19.93
CA GLU C 522 -11.87 17.41 19.48
C GLU C 522 -13.32 17.20 19.02
N ARG C 523 -13.76 15.95 19.04
CA ARG C 523 -15.11 15.58 18.61
C ARG C 523 -15.46 16.12 17.23
N LEU C 524 -14.51 16.05 16.31
CA LEU C 524 -14.75 16.50 14.94
C LEU C 524 -15.44 15.38 14.20
N GLN C 525 -16.24 15.72 13.19
CA GLN C 525 -16.93 14.71 12.40
C GLN C 525 -16.01 14.26 11.28
N ALA C 526 -14.94 15.02 11.07
CA ALA C 526 -13.95 14.70 10.05
C ALA C 526 -13.40 13.29 10.26
N HIS C 527 -13.14 12.59 9.17
CA HIS C 527 -12.57 11.25 9.28
C HIS C 527 -11.70 10.90 8.08
N LEU C 528 -10.77 9.98 8.32
CA LEU C 528 -9.87 9.51 7.29
C LEU C 528 -10.58 8.68 6.23
N LEU C 529 -10.20 8.88 4.98
CA LEU C 529 -10.78 8.13 3.88
C LEU C 529 -9.70 7.25 3.24
N LEU C 530 -8.53 7.83 3.02
CA LEU C 530 -7.46 7.10 2.36
C LEU C 530 -6.06 7.51 2.79
N GLN C 531 -5.10 6.63 2.51
CA GLN C 531 -3.70 6.91 2.78
C GLN C 531 -3.03 6.53 1.48
N VAL C 532 -2.18 7.41 0.96
CA VAL C 532 -1.46 7.11 -0.26
C VAL C 532 0.04 7.26 -0.05
N HIS C 533 0.57 6.42 0.82
CA HIS C 533 2.00 6.36 1.13
C HIS C 533 2.58 7.55 1.90
N ASP C 534 2.43 8.77 1.38
CA ASP C 534 2.96 9.93 2.09
C ASP C 534 1.90 11.00 2.24
N GLU C 535 0.65 10.62 2.02
CA GLU C 535 -0.44 11.57 2.15
C GLU C 535 -1.67 10.95 2.76
N LEU C 536 -2.45 11.79 3.44
CA LEU C 536 -3.68 11.38 4.08
C LEU C 536 -4.82 12.17 3.47
N ILE C 537 -5.91 11.48 3.15
CA ILE C 537 -7.07 12.11 2.57
C ILE C 537 -8.23 11.94 3.55
N LEU C 538 -8.90 13.05 3.86
CA LEU C 538 -10.03 13.01 4.78
C LEU C 538 -11.21 13.72 4.13
N GLU C 539 -12.37 13.63 4.76
CA GLU C 539 -13.55 14.37 4.30
C GLU C 539 -14.14 14.92 5.57
N ALA C 540 -14.75 16.10 5.50
CA ALA C 540 -15.34 16.69 6.68
C ALA C 540 -16.30 17.80 6.34
N PRO C 541 -17.13 18.21 7.31
CA PRO C 541 -18.08 19.28 7.07
C PRO C 541 -17.28 20.51 6.66
N LYS C 542 -17.83 21.35 5.81
CA LYS C 542 -17.12 22.54 5.38
C LYS C 542 -16.76 23.41 6.58
N GLU C 543 -17.59 23.33 7.63
CA GLU C 543 -17.36 24.11 8.84
C GLU C 543 -16.19 23.63 9.69
N GLU C 544 -15.55 22.53 9.28
CA GLU C 544 -14.41 22.01 10.03
C GLU C 544 -13.08 22.25 9.31
N MET C 545 -13.14 22.74 8.09
CA MET C 545 -11.92 22.96 7.30
C MET C 545 -10.86 23.83 7.99
N GLU C 546 -11.26 24.96 8.55
CA GLU C 546 -10.28 25.83 9.19
C GLU C 546 -9.56 25.11 10.33
N ARG C 547 -10.31 24.37 11.14
CA ARG C 547 -9.69 23.62 12.23
C ARG C 547 -8.77 22.53 11.69
N LEU C 548 -9.18 21.86 10.63
CA LEU C 548 -8.34 20.80 10.06
C LEU C 548 -7.05 21.35 9.47
N CYS C 549 -7.10 22.56 8.92
CA CYS C 549 -5.92 23.17 8.33
C CYS C 549 -4.79 23.34 9.35
N ARG C 550 -5.16 23.49 10.62
CA ARG C 550 -4.14 23.64 11.65
C ARG C 550 -3.84 22.30 12.30
N LEU C 551 -4.89 21.51 12.51
CA LEU C 551 -4.74 20.23 13.19
C LEU C 551 -4.01 19.13 12.43
N VAL C 552 -4.43 18.84 11.21
CA VAL C 552 -3.82 17.73 10.48
C VAL C 552 -2.31 17.90 10.23
N PRO C 553 -1.87 19.07 9.72
CA PRO C 553 -0.44 19.24 9.48
C PRO C 553 0.41 19.12 10.75
N GLU C 554 -0.09 19.70 11.84
CA GLU C 554 0.64 19.64 13.10
C GLU C 554 0.83 18.20 13.58
N VAL C 555 -0.26 17.43 13.57
CA VAL C 555 -0.19 16.04 14.01
C VAL C 555 0.75 15.23 13.14
N MET C 556 0.69 15.45 11.83
CA MET C 556 1.57 14.73 10.91
C MET C 556 3.02 15.15 11.09
N GLU C 557 3.25 16.44 11.26
CA GLU C 557 4.60 16.96 11.44
C GLU C 557 5.24 16.54 12.77
N GLN C 558 4.40 16.34 13.79
CA GLN C 558 4.89 15.96 15.10
C GLN C 558 4.84 14.46 15.43
N ALA C 559 4.50 13.63 14.44
CA ALA C 559 4.40 12.18 14.63
C ALA C 559 5.68 11.61 15.25
N VAL C 560 6.82 12.06 14.75
CA VAL C 560 8.11 11.62 15.26
C VAL C 560 9.01 12.85 15.23
N THR C 561 10.08 12.83 16.02
CA THR C 561 11.00 13.95 16.04
C THR C 561 12.31 13.51 15.41
N LEU C 562 12.67 14.14 14.29
CA LEU C 562 13.89 13.81 13.58
C LEU C 562 14.91 14.94 13.74
N ARG C 563 16.10 14.77 13.17
CA ARG C 563 17.15 15.78 13.25
C ARG C 563 16.85 16.95 12.31
N VAL C 564 15.80 16.77 11.50
CA VAL C 564 15.36 17.81 10.57
C VAL C 564 13.86 17.91 10.74
N PRO C 565 13.28 19.06 10.37
CA PRO C 565 11.84 19.23 10.50
C PRO C 565 11.09 18.37 9.48
N LEU C 566 9.83 18.07 9.77
CA LEU C 566 9.01 17.37 8.82
C LEU C 566 8.08 18.49 8.37
N LYS C 567 7.72 18.49 7.09
CA LYS C 567 6.87 19.52 6.53
C LYS C 567 5.68 18.90 5.82
N VAL C 568 4.50 19.44 6.09
CA VAL C 568 3.28 18.93 5.48
C VAL C 568 2.53 20.03 4.75
N ASP C 569 2.13 19.74 3.51
CA ASP C 569 1.37 20.70 2.72
C ASP C 569 -0.07 20.19 2.72
N TYR C 570 -1.03 21.06 2.47
CA TYR C 570 -2.43 20.63 2.50
C TYR C 570 -3.30 21.46 1.59
N HIS C 571 -4.42 20.86 1.18
CA HIS C 571 -5.35 21.52 0.29
C HIS C 571 -6.73 20.91 0.54
N TYR C 572 -7.77 21.60 0.12
CA TYR C 572 -9.10 21.06 0.29
C TYR C 572 -10.02 21.61 -0.79
N GLY C 573 -11.10 20.89 -1.06
CA GLY C 573 -12.01 21.34 -2.11
C GLY C 573 -13.24 20.47 -2.22
N SER C 574 -14.08 20.77 -3.21
CA SER C 574 -15.33 20.08 -3.47
C SER C 574 -15.19 18.65 -3.98
N THR C 575 -14.04 18.33 -4.55
CA THR C 575 -13.77 16.99 -5.04
C THR C 575 -12.30 16.71 -4.78
N TRP C 576 -11.90 15.45 -4.94
CA TRP C 576 -10.50 15.09 -4.71
C TRP C 576 -9.63 15.87 -5.69
N TYR C 577 -10.17 16.11 -6.89
CA TYR C 577 -9.45 16.86 -7.91
C TYR C 577 -9.12 18.26 -7.41
N ASP C 578 -10.10 18.87 -6.75
CA ASP C 578 -9.97 20.23 -6.21
C ASP C 578 -9.09 20.34 -4.99
N ALA C 579 -8.85 19.22 -4.30
CA ALA C 579 -8.01 19.24 -3.11
C ALA C 579 -6.56 19.40 -3.53
N LYS C 580 -6.30 20.46 -4.28
CA LYS C 580 -4.97 20.78 -4.79
C LYS C 580 -4.69 22.27 -4.63
C1 GLC D . -6.77 -11.79 0.87
C2 GLC D . -6.77 -12.49 -0.53
C3 GLC D . -6.06 -11.38 -1.56
C4 GLC D . -6.94 -10.10 -1.60
C5 GLC D . -7.17 -9.51 -0.16
C6 GLC D . -8.23 -8.40 -0.10
O2 GLC D . -5.96 -13.66 -0.51
O3 GLC D . -6.05 -11.99 -2.85
O4 GLC D . -6.30 -9.15 -2.47
O5 GLC D . -7.62 -10.59 0.77
O6 GLC D . -9.47 -8.82 -0.67
C1 FRU D . -5.06 -13.43 2.74
C2 FRU D . -4.70 -11.94 2.44
C3 FRU D . -3.18 -11.61 2.44
C4 FRU D . -2.91 -11.29 3.90
C5 FRU D . -4.22 -10.59 4.35
C6 FRU D . -4.32 -9.06 4.18
O1 FRU D . -4.53 -14.34 1.76
O2 FRU D . -5.40 -11.41 1.25
O3 FRU D . -2.32 -12.64 1.94
O4 FRU D . -1.71 -10.52 4.05
O5 FRU D . -5.26 -11.20 3.55
O6 FRU D . -3.30 -8.43 4.94
C1 GLC E . 30.71 -4.48 0.25
C2 GLC E . 29.75 -5.70 0.21
C3 GLC E . 30.17 -6.53 -1.18
C4 GLC E . 29.93 -5.60 -2.41
C5 GLC E . 30.71 -4.24 -2.26
C6 GLC E . 30.33 -3.17 -3.32
O2 GLC E . 29.97 -6.57 1.32
O3 GLC E . 29.29 -7.64 -1.24
O4 GLC E . 30.34 -6.32 -3.58
O5 GLC E . 30.44 -3.64 -0.94
O6 GLC E . 31.08 -1.97 -3.11
C1 FRU E . 33.84 -5.64 0.48
C2 FRU E . 33.06 -4.43 1.21
C3 FRU E . 33.08 -4.98 2.70
C4 FRU E . 34.20 -4.15 3.38
C5 FRU E . 34.78 -3.23 2.25
C6 FRU E . 34.45 -1.71 2.29
O1 FRU E . 35.03 -6.16 1.10
O2 FRU E . 32.10 -4.94 0.25
O3 FRU E . 33.21 -6.40 2.93
O4 FRU E . 33.69 -3.45 4.53
O5 FRU E . 34.30 -3.79 0.98
O6 FRU E . 35.57 -0.97 1.83
S SO4 F . 8.76 19.35 -8.26
O1 SO4 F . 7.92 20.52 -8.56
O2 SO4 F . 7.91 18.19 -7.94
O3 SO4 F . 9.62 19.65 -7.09
O4 SO4 F . 9.61 19.04 -9.42
S SO4 G . -12.15 12.24 26.44
O1 SO4 G . -13.30 11.79 25.63
O2 SO4 G . -11.06 12.66 25.55
O3 SO4 G . -12.57 13.37 27.30
O4 SO4 G . -11.70 11.13 27.28
S SO4 H . -7.90 -33.71 21.50
O1 SO4 H . -8.33 -32.92 20.34
O2 SO4 H . -6.58 -34.30 21.22
O3 SO4 H . -7.81 -32.84 22.69
O4 SO4 H . -8.87 -34.79 21.75
MG MG I . 4.28 14.84 -1.29
#